data_3HVK
#
_entry.id   3HVK
#
_cell.length_a   50.285
_cell.length_b   54.970
_cell.length_c   79.172
_cell.angle_alpha   90.00
_cell.angle_beta   90.00
_cell.angle_gamma   90.00
#
_symmetry.space_group_name_H-M   'P 21 21 21'
#
loop_
_entity.id
_entity.type
_entity.pdbx_description
1 polymer 'Catechol O-methyltransferase'
2 non-polymer 'MAGNESIUM ION'
3 non-polymer 'CHLORIDE ION'
4 non-polymer '2-[N-CYCLOHEXYLAMINO]ETHANE SULFONIC ACID'
5 non-polymer N-[(E)-3-[(2R,3S,4R,5R)-3,4-dihydroxy-5-[6-(2-hydroxyethylamino)purin-9-yl]oxolan-2-yl]prop-2-enyl]-5-(4-fluorophenyl)-2,3-dihydroxy-benzamide
6 water water
#
_entity_poly.entity_id   1
_entity_poly.type   'polypeptide(L)'
_entity_poly.pdbx_seq_one_letter_code
;MGDTKEQRILRYVQQNAKPGDPQSVLEAIDTYCTQKEWAMNVGDAKGQIMDAVIREYSPSLVLELGAYCGYSAVRMARLL
QPGARLLTMEMNPDYAAITQQMLNFAGLQDKVTILNGASQDLIPQLKKKYDVDTLDMVFLDHWKDRYLPDTLLLEKCGLL
RKGTVLLADNVIVPGTPDFLAYVRGSSSFECTHYSSYLEYMKVVDGLEKAIYQGPSSPDKS
;
_entity_poly.pdbx_strand_id   A
#
loop_
_chem_comp.id
_chem_comp.type
_chem_comp.name
_chem_comp.formula
719 non-polymer N-[(E)-3-[(2R,3S,4R,5R)-3,4-dihydroxy-5-[6-(2-hydroxyethylamino)purin-9-yl]oxolan-2-yl]prop-2-enyl]-5-(4-fluorophenyl)-2,3-dihydroxy-benzamide 'C27 H27 F N6 O7'
CL non-polymer 'CHLORIDE ION' 'Cl -1'
MG non-polymer 'MAGNESIUM ION' 'Mg 2'
NHE non-polymer '2-[N-CYCLOHEXYLAMINO]ETHANE SULFONIC ACID' 'C8 H17 N O3 S'
#
# COMPACT_ATOMS: atom_id res chain seq x y z
N ASP A 3 -18.63 13.49 10.58
CA ASP A 3 -17.98 12.39 9.82
C ASP A 3 -16.49 12.29 10.21
N THR A 4 -15.76 11.40 9.55
CA THR A 4 -14.38 11.10 9.92
C THR A 4 -13.45 11.73 8.92
N LYS A 5 -12.18 11.79 9.29
CA LYS A 5 -11.16 12.33 8.39
C LYS A 5 -11.09 11.56 7.08
N GLU A 6 -11.21 10.24 7.18
CA GLU A 6 -11.14 9.40 5.99
C GLU A 6 -12.30 9.67 5.02
N GLN A 7 -13.47 9.79 5.66
N GLN A 7 -13.54 9.96 5.43
CA GLN A 7 -14.69 10.15 4.98
CA GLN A 7 -14.60 10.29 4.39
C GLN A 7 -14.49 11.56 4.42
C GLN A 7 -14.36 11.63 3.58
N ARG A 8 -13.93 12.48 5.20
N ARG A 8 -13.76 12.61 4.25
CA ARG A 8 -13.66 13.83 4.69
CA ARG A 8 -13.43 13.89 3.63
C ARG A 8 -12.68 13.83 3.54
C ARG A 8 -12.41 13.79 2.50
N ILE A 9 -11.66 12.97 3.62
N ILE A 9 -11.45 12.88 2.63
CA ILE A 9 -10.73 12.81 2.49
CA ILE A 9 -10.43 12.68 1.60
C ILE A 9 -11.46 12.26 1.23
C ILE A 9 -11.09 12.10 0.33
N LEU A 10 -12.23 11.18 1.39
N LEU A 10 -11.92 11.09 0.50
CA LEU A 10 -13.02 10.66 0.24
CA LEU A 10 -12.62 10.51 -0.64
C LEU A 10 -13.90 11.74 -0.37
C LEU A 10 -13.50 11.55 -1.35
N ARG A 11 -14.57 12.49 0.48
N ARG A 11 -14.22 12.34 -0.57
CA ARG A 11 -15.58 13.48 0.04
CA ARG A 11 -15.12 13.40 -1.09
C ARG A 11 -14.81 14.57 -0.70
C ARG A 11 -14.31 14.41 -1.90
N TYR A 12 -13.65 15.01 -0.20
N TYR A 12 -13.22 14.83 -1.31
CA TYR A 12 -12.85 16.00 -0.92
CA TYR A 12 -12.29 15.75 -1.98
C TYR A 12 -12.43 15.50 -2.31
C TYR A 12 -11.82 15.18 -3.33
N VAL A 13 -12.04 14.23 -2.41
N VAL A 13 -11.40 13.92 -3.33
CA VAL A 13 -11.66 13.59 -3.68
CA VAL A 13 -11.01 13.28 -4.58
C VAL A 13 -12.87 13.63 -4.63
C VAL A 13 -12.12 13.27 -5.61
N GLN A 14 -14.04 13.26 -4.12
N GLN A 14 -13.33 12.94 -5.17
CA GLN A 14 -15.24 13.24 -4.96
CA GLN A 14 -14.47 12.86 -6.08
C GLN A 14 -15.64 14.63 -5.39
C GLN A 14 -14.81 14.22 -6.70
N GLN A 15 -15.42 15.60 -4.52
N GLN A 15 -14.51 15.30 -5.96
CA GLN A 15 -15.88 16.96 -4.79
CA GLN A 15 -14.80 16.66 -6.41
C GLN A 15 -15.01 17.56 -5.85
C GLN A 15 -13.65 17.44 -6.98
N ASN A 16 -13.72 17.21 -5.83
N ASN A 16 -12.45 16.87 -6.95
CA ASN A 16 -12.65 17.87 -6.59
CA ASN A 16 -11.17 17.55 -7.35
C ASN A 16 -12.01 17.10 -7.72
C ASN A 16 -10.30 16.71 -8.27
N ALA A 17 -11.68 15.82 -7.51
N ALA A 17 -10.75 15.53 -8.65
CA ALA A 17 -10.90 15.06 -8.51
CA ALA A 17 -9.96 14.72 -9.54
C ALA A 17 -11.74 14.63 -9.72
C ALA A 17 -10.83 14.32 -10.73
N LYS A 18 -11.10 14.10 -10.74
N LYS A 18 -10.24 13.72 -11.75
CA LYS A 18 -11.78 13.56 -11.91
CA LYS A 18 -11.05 13.29 -12.89
C LYS A 18 -11.94 12.03 -11.88
C LYS A 18 -11.38 11.82 -12.82
N PRO A 19 -13.18 11.51 -12.03
N PRO A 19 -12.67 11.49 -12.92
CA PRO A 19 -13.32 10.01 -12.13
CA PRO A 19 -13.15 10.15 -12.77
C PRO A 19 -12.50 9.41 -13.32
C PRO A 19 -12.37 9.30 -13.67
N GLY A 20 -11.86 8.22 -13.14
CA GLY A 20 -11.05 7.47 -14.08
C GLY A 20 -9.63 7.93 -14.33
N ASP A 21 -9.20 8.93 -13.56
CA ASP A 21 -7.90 9.53 -13.71
C ASP A 21 -7.13 9.36 -12.37
N PRO A 22 -6.35 8.26 -12.28
CA PRO A 22 -5.67 7.97 -11.00
C PRO A 22 -4.75 9.07 -10.49
N GLN A 23 -4.04 9.74 -11.41
CA GLN A 23 -3.17 10.85 -11.00
C GLN A 23 -3.91 11.98 -10.35
N SER A 24 -5.08 12.32 -10.87
CA SER A 24 -5.83 13.39 -10.28
C SER A 24 -6.28 13.01 -8.88
N VAL A 25 -6.59 11.71 -8.68
CA VAL A 25 -6.94 11.20 -7.37
C VAL A 25 -5.77 11.35 -6.38
N LEU A 26 -4.59 10.94 -6.80
CA LEU A 26 -3.41 11.05 -5.93
C LEU A 26 -3.11 12.52 -5.59
N GLU A 27 -3.26 13.41 -6.59
CA GLU A 27 -2.97 14.82 -6.36
C GLU A 27 -3.94 15.41 -5.42
N ALA A 28 -5.23 15.06 -5.57
CA ALA A 28 -6.22 15.57 -4.64
C ALA A 28 -5.94 15.14 -3.23
N ILE A 29 -5.57 13.86 -3.06
CA ILE A 29 -5.34 13.38 -1.70
C ILE A 29 -4.14 14.13 -1.12
N ASP A 30 -3.09 14.29 -1.91
CA ASP A 30 -1.89 14.99 -1.45
C ASP A 30 -2.20 16.42 -1.06
N THR A 31 -3.02 17.09 -1.88
CA THR A 31 -3.38 18.47 -1.57
C THR A 31 -4.19 18.54 -0.30
N TYR A 32 -5.18 17.66 -0.14
CA TYR A 32 -6.00 17.71 1.05
C TYR A 32 -5.10 17.48 2.29
N CYS A 33 -4.17 16.54 2.17
CA CYS A 33 -3.41 16.17 3.37
C CYS A 33 -2.32 17.18 3.68
N THR A 34 -1.93 17.98 2.71
CA THR A 34 -0.99 19.07 2.91
CA THR A 34 -0.97 19.05 2.99
C THR A 34 -1.65 20.34 3.44
N GLN A 35 -2.85 20.63 2.92
CA GLN A 35 -3.54 21.91 3.21
CA GLN A 35 -3.50 21.92 3.21
C GLN A 35 -4.60 21.84 4.28
N LYS A 36 -5.23 20.67 4.44
CA LYS A 36 -6.34 20.55 5.36
C LYS A 36 -6.08 19.68 6.59
N GLU A 37 -5.89 18.36 6.40
CA GLU A 37 -5.68 17.46 7.54
C GLU A 37 -4.67 16.39 7.14
N TRP A 38 -3.61 16.25 7.92
CA TRP A 38 -2.64 15.19 7.70
C TRP A 38 -3.30 13.83 7.77
N ALA A 39 -2.85 12.89 6.97
CA ALA A 39 -3.26 11.52 7.10
C ALA A 39 -2.12 10.59 6.71
N MET A 40 -2.15 9.37 7.21
CA MET A 40 -1.04 8.39 7.08
C MET A 40 -1.04 7.66 5.74
N ASN A 41 -1.28 8.37 4.65
CA ASN A 41 -1.07 7.81 3.31
C ASN A 41 0.46 7.75 3.10
N VAL A 42 0.94 6.93 2.16
CA VAL A 42 2.37 6.83 1.98
CA VAL A 42 2.38 6.83 1.95
C VAL A 42 2.96 8.17 1.51
N GLY A 43 2.16 8.95 0.78
CA GLY A 43 2.58 10.26 0.40
C GLY A 43 3.39 10.29 -0.91
N ASP A 44 3.66 11.49 -1.40
CA ASP A 44 4.31 11.63 -2.67
C ASP A 44 5.81 11.34 -2.61
N ALA A 45 6.51 11.66 -1.53
CA ALA A 45 7.97 11.45 -1.46
C ALA A 45 8.26 9.96 -1.54
N LYS A 46 7.68 9.19 -0.64
CA LYS A 46 7.84 7.77 -0.65
C LYS A 46 7.11 7.14 -1.80
N GLY A 47 5.98 7.73 -2.21
CA GLY A 47 5.24 7.26 -3.36
C GLY A 47 6.03 7.23 -4.65
N GLN A 48 6.88 8.20 -4.84
CA GLN A 48 7.73 8.20 -6.04
C GLN A 48 8.73 7.05 -6.02
N ILE A 49 9.22 6.68 -4.85
CA ILE A 49 10.10 5.55 -4.71
C ILE A 49 9.37 4.24 -4.97
N MET A 50 8.16 4.12 -4.41
CA MET A 50 7.34 2.96 -4.71
CA MET A 50 7.29 2.99 -4.70
C MET A 50 7.07 2.83 -6.20
N ASP A 51 6.77 3.95 -6.87
CA ASP A 51 6.50 3.92 -8.33
C ASP A 51 7.72 3.37 -9.08
N ALA A 52 8.90 3.80 -8.68
CA ALA A 52 10.16 3.37 -9.34
C ALA A 52 10.36 1.86 -9.11
N VAL A 53 10.08 1.34 -7.90
CA VAL A 53 10.17 -0.10 -7.62
C VAL A 53 9.17 -0.91 -8.43
N ILE A 54 7.93 -0.45 -8.46
CA ILE A 54 6.87 -1.11 -9.22
C ILE A 54 7.28 -1.23 -10.67
N ARG A 55 7.70 -0.11 -11.26
CA ARG A 55 8.10 -0.11 -12.68
CA ARG A 55 8.13 -0.10 -12.67
C ARG A 55 9.30 -1.02 -12.91
N GLU A 56 10.24 -1.08 -11.99
CA GLU A 56 11.39 -1.94 -12.15
C GLU A 56 11.03 -3.44 -12.19
N TYR A 57 10.19 -3.90 -11.27
CA TYR A 57 9.94 -5.30 -11.15
C TYR A 57 8.78 -5.83 -11.91
N SER A 58 7.90 -4.98 -12.37
CA SER A 58 6.77 -5.34 -13.15
C SER A 58 6.03 -6.58 -12.57
N PRO A 59 5.55 -6.46 -11.32
CA PRO A 59 4.92 -7.62 -10.70
C PRO A 59 3.55 -7.97 -11.30
N SER A 60 3.31 -9.27 -11.48
CA SER A 60 2.02 -9.72 -11.90
C SER A 60 0.98 -9.81 -10.79
N LEU A 61 1.43 -10.08 -9.56
CA LEU A 61 0.51 -10.21 -8.41
C LEU A 61 1.17 -9.57 -7.20
N VAL A 62 0.53 -8.51 -6.72
CA VAL A 62 0.98 -7.74 -5.58
C VAL A 62 -0.02 -7.92 -4.43
N LEU A 63 0.49 -8.09 -3.21
CA LEU A 63 -0.32 -8.08 -1.98
C LEU A 63 0.04 -6.83 -1.18
N GLU A 64 -0.96 -6.07 -0.77
CA GLU A 64 -0.77 -4.95 0.15
C GLU A 64 -1.41 -5.29 1.49
N LEU A 65 -0.67 -5.03 2.58
CA LEU A 65 -1.21 -5.20 3.92
C LEU A 65 -1.45 -3.81 4.50
N GLY A 66 -2.74 -3.47 4.66
CA GLY A 66 -3.13 -2.18 5.26
C GLY A 66 -3.49 -1.16 4.22
N ALA A 67 -4.66 -1.22 3.63
CA ALA A 67 -5.01 -0.28 2.53
C ALA A 67 -5.22 1.12 2.99
N TYR A 68 -5.83 1.27 4.16
CA TYR A 68 -6.20 2.58 4.73
C TYR A 68 -7.24 3.23 3.84
N CYS A 69 -6.94 4.30 3.10
CA CYS A 69 -7.91 4.93 2.23
C CYS A 69 -7.70 4.59 0.77
N GLY A 70 -6.72 3.78 0.45
CA GLY A 70 -6.52 3.35 -0.90
C GLY A 70 -5.47 4.12 -1.68
N TYR A 71 -4.79 5.07 -1.04
CA TYR A 71 -3.76 5.85 -1.74
C TYR A 71 -2.69 5.00 -2.39
N SER A 72 -2.07 4.13 -1.60
CA SER A 72 -1.02 3.28 -2.18
CA SER A 72 -1.02 3.28 -2.17
C SER A 72 -1.59 2.27 -3.18
N ALA A 73 -2.82 1.83 -2.97
CA ALA A 73 -3.45 0.92 -3.93
C ALA A 73 -3.64 1.62 -5.29
N VAL A 74 -4.09 2.87 -5.24
CA VAL A 74 -4.20 3.65 -6.49
C VAL A 74 -2.80 3.81 -7.12
N ARG A 75 -1.81 4.16 -6.29
CA ARG A 75 -0.44 4.36 -6.82
C ARG A 75 0.05 3.13 -7.55
N MET A 76 -0.06 1.98 -6.91
CA MET A 76 0.45 0.75 -7.46
C MET A 76 -0.37 0.29 -8.64
N ALA A 77 -1.68 0.27 -8.48
CA ALA A 77 -2.52 -0.35 -9.49
C ALA A 77 -2.43 0.38 -10.80
N ARG A 78 -2.23 1.68 -10.77
CA ARG A 78 -2.13 2.45 -12.02
C ARG A 78 -0.87 2.13 -12.83
N LEU A 79 0.14 1.50 -12.25
CA LEU A 79 1.38 1.14 -12.93
C LEU A 79 1.49 -0.35 -13.31
N LEU A 80 0.49 -1.15 -12.94
CA LEU A 80 0.50 -2.60 -13.26
C LEU A 80 0.27 -2.80 -14.76
N GLN A 81 0.94 -3.79 -15.33
CA GLN A 81 0.79 -4.12 -16.78
C GLN A 81 -0.59 -4.73 -16.96
N PRO A 82 -1.20 -4.64 -18.18
CA PRO A 82 -2.52 -5.25 -18.37
C PRO A 82 -2.58 -6.71 -17.88
N GLY A 83 -3.68 -7.09 -17.22
CA GLY A 83 -3.78 -8.42 -16.63
C GLY A 83 -3.18 -8.61 -15.24
N ALA A 84 -2.26 -7.74 -14.81
CA ALA A 84 -1.64 -7.85 -13.46
C ALA A 84 -2.60 -7.38 -12.42
N ARG A 85 -2.43 -7.86 -11.19
CA ARG A 85 -3.45 -7.67 -10.17
C ARG A 85 -2.87 -7.29 -8.82
N LEU A 86 -3.65 -6.54 -8.06
CA LEU A 86 -3.33 -6.20 -6.67
C LEU A 86 -4.42 -6.73 -5.76
N LEU A 87 -4.00 -7.35 -4.67
CA LEU A 87 -4.87 -7.76 -3.56
C LEU A 87 -4.50 -6.87 -2.40
N THR A 88 -5.44 -6.24 -1.75
CA THR A 88 -5.14 -5.40 -0.60
C THR A 88 -6.04 -5.79 0.56
N MET A 89 -5.45 -5.90 1.74
CA MET A 89 -6.15 -6.32 2.94
C MET A 89 -6.32 -5.15 3.88
N GLU A 90 -7.55 -4.99 4.38
CA GLU A 90 -7.86 -3.89 5.28
C GLU A 90 -8.86 -4.39 6.31
N MET A 91 -8.45 -4.39 7.57
CA MET A 91 -9.27 -5.00 8.61
CA MET A 91 -9.24 -4.98 8.65
C MET A 91 -10.40 -4.08 9.09
N ASN A 92 -10.26 -2.78 8.89
CA ASN A 92 -11.27 -1.81 9.35
C ASN A 92 -12.31 -1.72 8.27
N PRO A 93 -13.54 -2.14 8.60
CA PRO A 93 -14.55 -2.16 7.53
C PRO A 93 -14.86 -0.79 6.91
N ASP A 94 -14.85 0.24 7.75
CA ASP A 94 -15.05 1.58 7.23
C ASP A 94 -13.98 1.98 6.23
N TYR A 95 -12.72 1.66 6.55
CA TYR A 95 -11.60 2.00 5.67
C TYR A 95 -11.63 1.12 4.45
N ALA A 96 -12.05 -0.15 4.57
CA ALA A 96 -12.14 -1.03 3.40
C ALA A 96 -13.15 -0.42 2.40
N ALA A 97 -14.28 0.07 2.91
CA ALA A 97 -15.26 0.71 2.05
C ALA A 97 -14.72 1.97 1.43
N ILE A 98 -13.99 2.80 2.18
CA ILE A 98 -13.37 3.99 1.58
C ILE A 98 -12.45 3.60 0.46
N THR A 99 -11.61 2.60 0.74
CA THR A 99 -10.65 2.14 -0.29
C THR A 99 -11.34 1.64 -1.57
N GLN A 100 -12.39 0.82 -1.42
CA GLN A 100 -13.10 0.34 -2.60
C GLN A 100 -13.68 1.53 -3.42
N GLN A 101 -14.23 2.51 -2.74
CA GLN A 101 -14.81 3.64 -3.42
C GLN A 101 -13.73 4.51 -4.07
N MET A 102 -12.57 4.62 -3.42
CA MET A 102 -11.44 5.35 -4.00
C MET A 102 -10.96 4.70 -5.29
N LEU A 103 -10.85 3.39 -5.29
CA LEU A 103 -10.46 2.63 -6.46
C LEU A 103 -11.50 2.68 -7.57
N ASN A 104 -12.77 2.62 -7.17
CA ASN A 104 -13.86 2.77 -8.12
C ASN A 104 -13.78 4.11 -8.82
N PHE A 105 -13.60 5.16 -8.02
CA PHE A 105 -13.52 6.51 -8.59
C PHE A 105 -12.36 6.60 -9.56
N ALA A 106 -11.20 6.06 -9.17
CA ALA A 106 -10.04 6.09 -10.03
C ALA A 106 -10.16 5.23 -11.28
N GLY A 107 -11.19 4.36 -11.36
CA GLY A 107 -11.33 3.44 -12.45
C GLY A 107 -10.46 2.22 -12.45
N LEU A 108 -9.94 1.88 -11.26
CA LEU A 108 -8.96 0.80 -11.10
C LEU A 108 -9.57 -0.45 -10.52
N GLN A 109 -10.88 -0.49 -10.39
CA GLN A 109 -11.51 -1.61 -9.69
C GLN A 109 -11.33 -2.96 -10.32
N ASP A 110 -11.13 -3.05 -11.64
CA ASP A 110 -10.95 -4.36 -12.24
C ASP A 110 -9.56 -4.92 -11.91
N LYS A 111 -8.62 -4.07 -11.47
CA LYS A 111 -7.25 -4.52 -11.22
C LYS A 111 -7.00 -4.89 -9.78
N VAL A 112 -7.95 -4.52 -8.90
CA VAL A 112 -7.72 -4.63 -7.47
C VAL A 112 -8.83 -5.40 -6.77
N THR A 113 -8.47 -6.24 -5.80
CA THR A 113 -9.44 -6.85 -4.91
C THR A 113 -9.16 -6.32 -3.52
N ILE A 114 -10.15 -5.74 -2.88
CA ILE A 114 -10.04 -5.22 -1.54
C ILE A 114 -10.69 -6.22 -0.62
N LEU A 115 -9.90 -6.86 0.22
CA LEU A 115 -10.36 -7.86 1.17
C LEU A 115 -10.54 -7.23 2.54
N ASN A 116 -11.76 -7.26 3.06
CA ASN A 116 -12.06 -6.74 4.39
C ASN A 116 -11.83 -7.80 5.42
N GLY A 117 -10.69 -7.77 6.06
CA GLY A 117 -10.37 -8.71 7.11
C GLY A 117 -8.92 -8.47 7.58
N ALA A 118 -8.56 -9.14 8.64
CA ALA A 118 -7.19 -9.08 9.20
C ALA A 118 -6.29 -10.01 8.39
N SER A 119 -5.07 -9.54 8.11
CA SER A 119 -4.08 -10.33 7.38
C SER A 119 -3.86 -11.69 8.00
N GLN A 120 -3.82 -11.78 9.32
CA GLN A 120 -3.49 -13.09 9.90
C GLN A 120 -4.59 -14.12 9.58
N ASP A 121 -5.81 -13.67 9.35
CA ASP A 121 -6.91 -14.55 9.00
C ASP A 121 -6.99 -14.79 7.50
N LEU A 122 -6.67 -13.77 6.69
CA LEU A 122 -6.82 -13.88 5.24
C LEU A 122 -5.65 -14.51 4.56
N ILE A 123 -4.43 -14.26 5.04
CA ILE A 123 -3.23 -14.83 4.40
C ILE A 123 -3.35 -16.35 4.20
N PRO A 124 -3.82 -17.11 5.23
CA PRO A 124 -3.92 -18.57 5.07
C PRO A 124 -4.97 -19.02 4.09
N GLN A 125 -5.81 -18.13 3.63
CA GLN A 125 -6.87 -18.43 2.66
CA GLN A 125 -6.87 -18.44 2.67
C GLN A 125 -6.52 -18.10 1.22
N LEU A 126 -5.38 -17.44 1.02
CA LEU A 126 -5.10 -16.94 -0.31
C LEU A 126 -4.94 -18.06 -1.33
N LYS A 127 -4.26 -19.15 -0.98
CA LYS A 127 -4.11 -20.25 -1.96
C LYS A 127 -5.40 -20.94 -2.32
N LYS A 128 -6.17 -21.32 -1.34
CA LYS A 128 -7.35 -22.15 -1.62
C LYS A 128 -8.51 -21.28 -2.04
N LYS A 129 -8.76 -20.20 -1.32
CA LYS A 129 -9.93 -19.34 -1.62
C LYS A 129 -9.74 -18.33 -2.76
N TYR A 130 -8.56 -17.75 -2.88
CA TYR A 130 -8.28 -16.74 -3.91
C TYR A 130 -7.36 -17.26 -5.02
N ASP A 131 -7.09 -18.57 -5.03
CA ASP A 131 -6.33 -19.27 -6.07
CA ASP A 131 -6.38 -19.20 -6.14
C ASP A 131 -5.00 -18.57 -6.38
N VAL A 132 -4.33 -18.13 -5.33
CA VAL A 132 -2.98 -17.59 -5.44
C VAL A 132 -1.99 -18.74 -5.42
N ASP A 133 -0.95 -18.69 -6.28
CA ASP A 133 0.20 -19.58 -6.15
C ASP A 133 1.26 -18.88 -5.28
N THR A 134 2.06 -17.97 -5.88
CA THR A 134 2.98 -17.17 -5.10
C THR A 134 2.87 -15.69 -5.47
N LEU A 135 3.32 -14.85 -4.56
CA LEU A 135 3.22 -13.42 -4.73
C LEU A 135 4.53 -12.91 -5.36
N ASP A 136 4.40 -11.92 -6.24
CA ASP A 136 5.58 -11.26 -6.80
C ASP A 136 6.09 -10.11 -5.96
N MET A 137 5.21 -9.45 -5.22
CA MET A 137 5.54 -8.30 -4.41
C MET A 137 4.56 -8.23 -3.29
N VAL A 138 5.06 -7.76 -2.14
CA VAL A 138 4.22 -7.47 -0.95
C VAL A 138 4.57 -6.04 -0.46
N PHE A 139 3.58 -5.22 -0.25
CA PHE A 139 3.75 -3.91 0.34
C PHE A 139 3.21 -3.98 1.80
N LEU A 140 4.09 -3.75 2.76
CA LEU A 140 3.73 -3.77 4.16
C LEU A 140 3.52 -2.37 4.69
N ASP A 141 2.28 -2.10 5.14
CA ASP A 141 1.96 -0.75 5.62
C ASP A 141 0.87 -0.77 6.68
N HIS A 142 0.76 -1.88 7.42
CA HIS A 142 -0.28 -2.00 8.45
C HIS A 142 0.36 -1.76 9.81
N TRP A 143 -0.18 -2.34 10.88
CA TRP A 143 0.39 -2.08 12.19
C TRP A 143 1.88 -2.55 12.22
N LYS A 144 2.75 -1.72 12.75
CA LYS A 144 4.18 -1.93 12.56
C LYS A 144 4.69 -3.18 13.28
N ASP A 145 4.02 -3.57 14.35
CA ASP A 145 4.37 -4.80 15.05
C ASP A 145 3.87 -6.06 14.38
N ARG A 146 3.17 -5.91 13.26
CA ARG A 146 2.74 -7.06 12.51
C ARG A 146 3.50 -7.33 11.25
N TYR A 147 4.46 -6.45 10.89
CA TYR A 147 5.26 -6.70 9.70
C TYR A 147 6.01 -8.03 9.82
N LEU A 148 6.69 -8.26 10.93
CA LEU A 148 7.44 -9.50 11.09
C LEU A 148 6.55 -10.71 11.20
N PRO A 149 5.51 -10.70 12.07
CA PRO A 149 4.64 -11.89 12.12
C PRO A 149 4.05 -12.21 10.76
N ASP A 150 3.63 -11.22 9.98
CA ASP A 150 3.04 -11.52 8.69
C ASP A 150 4.02 -11.97 7.64
N THR A 151 5.26 -11.48 7.70
CA THR A 151 6.30 -11.96 6.80
C THR A 151 6.53 -13.45 7.05
N LEU A 152 6.60 -13.82 8.33
CA LEU A 152 6.87 -15.22 8.69
C LEU A 152 5.67 -16.09 8.30
N LEU A 153 4.45 -15.55 8.41
CA LEU A 153 3.24 -16.28 8.02
C LEU A 153 3.16 -16.47 6.51
N LEU A 154 3.50 -15.45 5.73
CA LEU A 154 3.57 -15.57 4.28
C LEU A 154 4.50 -16.67 3.88
N GLU A 155 5.66 -16.76 4.54
CA GLU A 155 6.58 -17.83 4.20
C GLU A 155 6.00 -19.18 4.58
N LYS A 156 5.41 -19.29 5.76
CA LYS A 156 4.84 -20.57 6.25
C LYS A 156 3.82 -21.09 5.27
N CYS A 157 3.04 -20.19 4.74
CA CYS A 157 1.96 -20.51 3.85
C CYS A 157 2.39 -20.80 2.39
N GLY A 158 3.67 -20.66 2.09
CA GLY A 158 4.17 -20.99 0.77
C GLY A 158 3.89 -19.90 -0.26
N LEU A 159 3.69 -18.68 0.20
CA LEU A 159 3.29 -17.58 -0.68
C LEU A 159 4.47 -16.77 -1.21
N LEU A 160 5.68 -16.99 -0.69
CA LEU A 160 6.85 -16.30 -1.19
C LEU A 160 7.60 -17.25 -2.14
N ARG A 161 8.19 -16.69 -3.16
CA ARG A 161 9.08 -17.42 -4.05
C ARG A 161 10.43 -16.72 -4.10
N LYS A 162 11.46 -17.45 -4.55
CA LYS A 162 12.76 -16.83 -4.77
C LYS A 162 12.51 -15.61 -5.67
N GLY A 163 12.91 -14.40 -5.23
CA GLY A 163 12.65 -13.19 -5.95
C GLY A 163 11.45 -12.33 -5.54
N THR A 164 10.57 -12.84 -4.66
CA THR A 164 9.46 -12.01 -4.16
C THR A 164 10.00 -10.75 -3.47
N VAL A 165 9.51 -9.60 -3.92
CA VAL A 165 9.91 -8.33 -3.37
C VAL A 165 8.99 -7.89 -2.23
N LEU A 166 9.55 -7.77 -1.05
CA LEU A 166 8.86 -7.12 0.07
C LEU A 166 9.28 -5.65 0.10
N LEU A 167 8.33 -4.77 0.24
CA LEU A 167 8.57 -3.35 0.34
C LEU A 167 7.84 -2.85 1.57
N ALA A 168 8.54 -2.30 2.54
CA ALA A 168 8.00 -1.96 3.85
C ALA A 168 8.04 -0.47 4.07
N ASP A 169 6.87 0.10 4.37
CA ASP A 169 6.82 1.51 4.73
C ASP A 169 7.23 1.72 6.18
N ASN A 170 7.67 2.94 6.49
CA ASN A 170 7.78 3.41 7.87
C ASN A 170 8.86 2.71 8.67
N VAL A 171 9.98 2.38 8.01
CA VAL A 171 10.97 1.62 8.73
C VAL A 171 11.78 2.55 9.63
N ILE A 172 11.64 3.86 9.49
CA ILE A 172 12.24 4.84 10.41
C ILE A 172 11.21 5.40 11.41
N VAL A 173 10.10 5.89 10.86
CA VAL A 173 9.04 6.44 11.71
CA VAL A 173 9.05 6.48 11.69
C VAL A 173 7.70 5.97 11.18
N PRO A 174 6.89 5.32 12.03
CA PRO A 174 7.17 5.01 13.42
C PRO A 174 8.30 4.01 13.67
N GLY A 175 8.71 3.28 12.64
CA GLY A 175 9.75 2.27 12.82
C GLY A 175 9.13 0.89 12.97
N THR A 176 9.89 -0.13 12.61
CA THR A 176 9.44 -1.52 12.70
C THR A 176 10.71 -2.29 13.11
N PRO A 177 11.15 -2.14 14.36
CA PRO A 177 12.51 -2.56 14.66
C PRO A 177 12.74 -4.06 14.57
N ASP A 178 11.77 -4.88 14.96
CA ASP A 178 11.96 -6.33 14.86
C ASP A 178 12.04 -6.80 13.41
N PHE A 179 11.11 -6.31 12.58
CA PHE A 179 11.14 -6.62 11.15
C PHE A 179 12.47 -6.22 10.53
N LEU A 180 12.90 -4.99 10.78
CA LEU A 180 14.06 -4.48 10.10
C LEU A 180 15.31 -5.26 10.50
N ALA A 181 15.47 -5.55 11.80
CA ALA A 181 16.61 -6.31 12.28
C ALA A 181 16.55 -7.72 11.67
N TYR A 182 15.35 -8.28 11.60
CA TYR A 182 15.22 -9.63 11.10
C TYR A 182 15.62 -9.73 9.63
N VAL A 183 15.04 -8.90 8.78
CA VAL A 183 15.34 -9.06 7.37
C VAL A 183 16.80 -8.73 7.12
N ARG A 184 17.34 -7.71 7.77
CA ARG A 184 18.74 -7.33 7.52
C ARG A 184 19.71 -8.36 8.01
N GLY A 185 19.31 -9.19 8.99
CA GLY A 185 20.18 -10.22 9.52
C GLY A 185 19.98 -11.59 8.90
N SER A 186 18.99 -11.76 8.04
CA SER A 186 18.64 -13.07 7.48
C SER A 186 19.26 -13.35 6.14
N SER A 187 19.81 -14.54 5.98
CA SER A 187 20.35 -14.98 4.69
CA SER A 187 20.40 -14.91 4.69
C SER A 187 19.32 -15.19 3.64
N SER A 188 18.07 -15.24 4.05
CA SER A 188 17.00 -15.40 3.13
C SER A 188 16.45 -14.13 2.54
N PHE A 189 17.00 -12.98 2.93
CA PHE A 189 16.57 -11.72 2.34
C PHE A 189 17.79 -10.91 1.89
N GLU A 190 17.66 -10.23 0.77
CA GLU A 190 18.63 -9.24 0.35
C GLU A 190 17.93 -7.88 0.43
N CYS A 191 18.51 -7.00 1.22
CA CYS A 191 17.86 -5.75 1.61
C CYS A 191 18.51 -4.50 1.04
N THR A 192 17.67 -3.51 0.77
CA THR A 192 18.07 -2.20 0.29
C THR A 192 17.20 -1.18 1.02
N HIS A 193 17.83 -0.14 1.52
CA HIS A 193 17.16 0.94 2.18
C HIS A 193 17.04 2.18 1.31
N TYR A 194 15.84 2.72 1.22
CA TYR A 194 15.54 3.92 0.46
C TYR A 194 15.14 5.02 1.42
N SER A 195 16.05 5.95 1.71
CA SER A 195 15.81 7.03 2.65
C SER A 195 14.85 8.03 1.99
N SER A 196 13.89 8.53 2.75
CA SER A 196 12.92 9.46 2.21
C SER A 196 12.38 10.33 3.33
N TYR A 197 11.12 10.70 3.23
CA TYR A 197 10.48 11.60 4.18
C TYR A 197 9.07 11.05 4.50
N LEU A 198 8.73 11.21 5.74
CA LEU A 198 7.38 10.97 6.21
C LEU A 198 6.41 11.73 5.37
N GLU A 199 5.30 11.10 5.01
CA GLU A 199 4.26 11.75 4.25
C GLU A 199 3.93 13.12 4.81
N TYR A 200 3.97 14.12 3.91
CA TYR A 200 3.52 15.48 4.18
C TYR A 200 4.28 16.19 5.25
N MET A 201 5.49 15.71 5.57
CA MET A 201 6.25 16.19 6.71
CA MET A 201 6.26 16.29 6.64
C MET A 201 7.74 16.27 6.37
N LYS A 202 8.45 17.21 6.99
CA LYS A 202 9.90 17.31 6.87
CA LYS A 202 9.90 17.35 6.90
C LYS A 202 10.56 16.52 8.01
N VAL A 203 10.34 15.22 7.94
CA VAL A 203 10.81 14.23 8.93
C VAL A 203 11.34 13.05 8.11
N VAL A 204 12.59 12.66 8.38
CA VAL A 204 13.13 11.52 7.66
C VAL A 204 12.34 10.23 7.95
N ASP A 205 12.07 9.47 6.90
CA ASP A 205 11.53 8.15 7.03
C ASP A 205 12.21 7.32 5.94
N GLY A 206 11.80 6.10 5.73
CA GLY A 206 12.32 5.31 4.61
C GLY A 206 11.54 4.08 4.34
N LEU A 207 11.79 3.51 3.19
CA LEU A 207 11.27 2.23 2.76
C LEU A 207 12.38 1.23 2.82
N GLU A 208 12.08 0.00 3.19
CA GLU A 208 13.02 -1.11 3.04
C GLU A 208 12.51 -2.10 1.98
N LYS A 209 13.34 -2.45 1.02
CA LYS A 209 13.08 -3.51 0.08
C LYS A 209 13.84 -4.71 0.57
N ALA A 210 13.17 -5.84 0.67
CA ALA A 210 13.76 -7.09 1.13
C ALA A 210 13.33 -8.16 0.15
N ILE A 211 14.28 -8.66 -0.65
CA ILE A 211 13.98 -9.66 -1.67
C ILE A 211 14.20 -11.04 -1.12
N TYR A 212 13.15 -11.86 -1.13
CA TYR A 212 13.23 -13.21 -0.58
C TYR A 212 14.13 -14.11 -1.46
N GLN A 213 15.01 -14.82 -0.78
CA GLN A 213 16.06 -15.70 -1.37
C GLN A 213 15.75 -17.18 -1.28
N GLY A 214 14.60 -17.53 -0.74
CA GLY A 214 14.25 -18.95 -0.61
C GLY A 214 14.74 -19.41 0.72
N PRO A 215 14.39 -20.65 1.06
CA PRO A 215 14.75 -21.20 2.36
C PRO A 215 16.21 -21.67 2.38
MG MG B . 2.75 4.03 6.28
CL CL C . -1.49 4.65 1.65
CL CL D . 4.85 13.75 0.78
C3' NHE E . 1.39 13.41 12.34
C3' NHE E . 1.46 13.43 12.33
C2' NHE E . 0.19 14.32 12.18
C2' NHE E . 0.22 14.28 12.16
C1' NHE E . 0.19 15.59 13.02
C1' NHE E . 0.13 15.40 13.16
C6' NHE E . 1.57 16.21 13.07
C6' NHE E . 1.37 16.27 13.00
N NHE E . -0.72 16.60 12.51
N NHE E . -1.16 16.11 13.11
C1 NHE E . -2.19 16.49 12.48
C1 NHE E . -1.53 17.12 12.11
C2 NHE E . -2.83 17.88 12.60
C2 NHE E . -2.78 17.90 12.54
S NHE E . -3.78 18.36 11.31
S NHE E . -3.73 18.41 11.27
O1 NHE E . -3.00 18.53 10.05
O1 NHE E . -2.99 18.54 9.99
O2 NHE E . -4.62 17.15 11.14
O2 NHE E . -4.61 17.22 11.13
O3 NHE E . -4.74 19.44 11.62
O3 NHE E . -4.66 19.52 11.60
C5' NHE E . 2.69 15.26 13.36
C5' NHE E . 2.62 15.46 13.28
C4' NHE E . 2.73 14.08 12.42
C4' NHE E . 2.75 14.18 12.48
N1 719 F . -4.59 -2.70 9.43
C2 719 F . -5.00 -1.50 8.73
C3 719 F . -4.73 -4.00 8.97
C4 719 F . -4.04 -4.79 9.86
N5 719 F . -3.51 -4.02 10.86
C6 719 F . -5.64 -0.45 9.64
C7 719 F . 1.37 4.68 10.29
C8 719 F . -3.82 -2.79 10.58
O9 719 F . -3.79 -0.89 8.25
C10 719 F . -5.30 0.85 8.91
C11 719 F . 1.78 4.71 8.91
C12 719 F . 1.69 5.71 11.13
C13 719 F . -3.86 0.53 8.53
C14 719 F . 0.60 3.59 10.85
N15 719 F . -5.36 -4.40 7.88
C16 719 F . 2.41 6.85 10.69
C17 719 F . 2.49 5.88 8.45
C18 719 F . 2.80 6.94 9.37
C19 719 F . -4.04 -6.15 9.56
N20 719 F . -4.66 -6.59 8.47
C21 719 F . -5.30 -5.71 7.67
C22 719 F . 2.71 7.93 11.62
C23 719 F . -2.96 0.88 9.67
O24 719 F . 0.43 3.47 12.07
O25 719 F . -7.03 -0.73 9.77
N26 719 F . 0.11 2.62 10.04
C27 719 F . -1.71 1.22 9.49
C28 719 F . 3.93 8.61 11.56
C29 719 F . 1.78 8.24 12.63
O30 719 F . -6.06 1.09 7.74
O31 719 F . 1.60 3.77 8.06
O32 719 F . 2.84 5.90 7.21
C33 719 F . 3.26 9.92 13.40
C34 719 F . 4.19 9.66 12.43
C35 719 F . 2.05 9.27 13.52
F36 719 F . 3.55 10.98 14.23
C37 719 F . -0.77 1.58 10.57
N38 719 F . -3.45 -7.14 10.33
C39 719 F . -2.83 -6.89 11.65
CA 719 F . -3.87 -6.64 12.72
OB 719 F . -4.49 -7.85 13.10
#